data_5UZT
#
_entry.id   5UZT
#
_entity_poly.entity_id   1
_entity_poly.type   'polyribonucleotide'
_entity_poly.pdbx_seq_one_letter_code
;GGUGUUGACUGUUGAAUCUCAUGGCAACACC
;
_entity_poly.pdbx_strand_id   A
#